data_3FHF
#
_entry.id   3FHF
#
_cell.length_a   89.440
_cell.length_b   37.840
_cell.length_c   75.010
_cell.angle_alpha   90.000
_cell.angle_beta   116.080
_cell.angle_gamma   90.000
#
_symmetry.space_group_name_H-M   'C 1 2 1'
#
loop_
_entity.id
_entity.type
_entity.pdbx_description
1 polymer 'N-glycosylase/DNA lyase'
2 water water
#
_entity_poly.entity_id   1
_entity_poly.type   'polypeptide(L)'
_entity_poly.pdbx_seq_one_letter_code
;GNHHHHH(MSE)(MSE)LIKKIEELKNSEIKDIIDKRIQEFKSFKNKSNEEWFKELCFCILTANFTAEGGIRIQKEIGDG
FLTLPREELEEKLKNLGHRFYRKRAEYIVLARRFKNIKDIVESFENEKVAREFLVRNIKGIGYKEASHFLRNVGYDDVAI
IDRHILRELYENNYIDEIPKTLSRRKYLEIENILRDIGEEVNLKLSELDLYIWYLRTGKVLK
;
_entity_poly.pdbx_strand_id   A
#
# COMPACT_ATOMS: atom_id res chain seq x y z
N GLY A 1 -7.01 -11.54 34.11
CA GLY A 1 -7.62 -12.44 33.09
C GLY A 1 -6.59 -12.99 32.12
N ASN A 2 -7.03 -13.36 30.93
CA ASN A 2 -6.16 -13.90 29.90
C ASN A 2 -5.68 -12.77 29.00
N HIS A 3 -4.41 -12.41 29.14
CA HIS A 3 -3.81 -11.32 28.35
C HIS A 3 -3.76 -11.60 26.86
N HIS A 4 -3.95 -12.85 26.47
CA HIS A 4 -3.89 -13.23 25.07
C HIS A 4 -5.27 -13.53 24.51
N HIS A 5 -6.30 -13.15 25.25
CA HIS A 5 -7.67 -13.39 24.82
C HIS A 5 -8.04 -12.59 23.58
N HIS A 6 -7.58 -11.35 23.51
CA HIS A 6 -7.88 -10.48 22.37
C HIS A 6 -7.18 -10.96 21.10
N HIS A 7 -5.96 -11.48 21.24
CA HIS A 7 -5.21 -11.97 20.10
C HIS A 7 -5.87 -13.23 19.61
N LEU A 10 -8.99 -12.34 17.70
CA LEU A 10 -8.71 -11.75 16.40
C LEU A 10 -8.50 -12.88 15.41
N ILE A 11 -7.72 -13.88 15.84
CA ILE A 11 -7.45 -15.02 14.98
C ILE A 11 -8.77 -15.71 14.63
N LYS A 12 -9.62 -15.86 15.63
CA LYS A 12 -10.92 -16.51 15.47
C LYS A 12 -11.84 -15.75 14.52
N LYS A 13 -11.83 -14.42 14.63
CA LYS A 13 -12.64 -13.57 13.77
C LYS A 13 -12.20 -13.68 12.31
N ILE A 14 -10.89 -13.63 12.09
CA ILE A 14 -10.37 -13.74 10.73
C ILE A 14 -10.72 -15.09 10.11
N GLU A 15 -10.65 -16.16 10.90
CA GLU A 15 -11.00 -17.48 10.39
C GLU A 15 -12.49 -17.49 10.04
N GLU A 16 -13.26 -16.70 10.78
CA GLU A 16 -14.70 -16.59 10.54
C GLU A 16 -14.92 -15.89 9.20
N LEU A 17 -14.15 -14.83 8.94
CA LEU A 17 -14.29 -14.10 7.70
C LEU A 17 -13.89 -14.96 6.51
N LYS A 18 -12.84 -15.77 6.70
CA LYS A 18 -12.37 -16.67 5.65
C LYS A 18 -13.45 -17.69 5.29
N ASN A 19 -14.34 -17.96 6.23
CA ASN A 19 -15.44 -18.90 6.00
C ASN A 19 -16.74 -18.19 5.63
N SER A 20 -16.62 -16.98 5.08
CA SER A 20 -17.77 -16.20 4.67
C SER A 20 -17.61 -15.73 3.23
N GLU A 21 -18.60 -15.02 2.71
CA GLU A 21 -18.53 -14.52 1.34
C GLU A 21 -17.48 -13.43 1.23
N ILE A 22 -17.06 -12.89 2.37
CA ILE A 22 -16.04 -11.85 2.39
C ILE A 22 -14.76 -12.38 1.75
N LYS A 23 -14.51 -13.67 1.93
CA LYS A 23 -13.30 -14.26 1.35
C LYS A 23 -13.26 -14.11 -0.17
N ASP A 24 -14.39 -14.35 -0.82
CA ASP A 24 -14.44 -14.24 -2.27
C ASP A 24 -14.26 -12.81 -2.75
N ILE A 25 -14.76 -11.86 -1.98
CA ILE A 25 -14.66 -10.46 -2.32
C ILE A 25 -13.20 -10.00 -2.20
N ILE A 26 -12.53 -10.39 -1.13
CA ILE A 26 -11.14 -10.03 -0.93
C ILE A 26 -10.25 -10.75 -1.95
N ASP A 27 -10.52 -12.03 -2.20
CA ASP A 27 -9.73 -12.79 -3.15
C ASP A 27 -9.81 -12.15 -4.54
N LYS A 28 -10.97 -11.64 -4.92
CA LYS A 28 -11.14 -11.00 -6.22
C LYS A 28 -10.26 -9.75 -6.32
N ARG A 29 -10.22 -8.97 -5.24
CA ARG A 29 -9.39 -7.77 -5.23
C ARG A 29 -7.92 -8.17 -5.38
N ILE A 30 -7.54 -9.24 -4.69
CA ILE A 30 -6.17 -9.73 -4.75
C ILE A 30 -5.85 -10.14 -6.19
N GLN A 31 -6.79 -10.83 -6.83
CA GLN A 31 -6.58 -11.24 -8.22
C GLN A 31 -6.41 -10.03 -9.12
N GLU A 32 -7.14 -8.96 -8.84
CA GLU A 32 -7.01 -7.75 -9.64
C GLU A 32 -5.58 -7.19 -9.51
N PHE A 33 -4.99 -7.28 -8.33
CA PHE A 33 -3.61 -6.80 -8.14
C PHE A 33 -2.66 -7.68 -8.97
N LYS A 34 -2.89 -8.99 -8.92
CA LYS A 34 -2.09 -9.95 -9.65
C LYS A 34 -2.15 -9.74 -11.16
N SER A 35 -3.26 -9.21 -11.65
CA SER A 35 -3.41 -8.99 -13.07
C SER A 35 -2.41 -7.96 -13.62
N PHE A 36 -1.80 -7.18 -12.73
CA PHE A 36 -0.81 -6.20 -13.18
C PHE A 36 0.39 -6.85 -13.86
N LYS A 37 0.56 -8.14 -13.65
CA LYS A 37 1.68 -8.83 -14.29
C LYS A 37 1.50 -8.73 -15.81
N ASN A 38 0.25 -8.55 -16.25
CA ASN A 38 -0.04 -8.44 -17.67
C ASN A 38 -0.26 -7.01 -18.16
N LYS A 39 -0.28 -6.05 -17.24
CA LYS A 39 -0.48 -4.66 -17.61
C LYS A 39 0.83 -3.98 -18.04
N SER A 40 0.71 -2.86 -18.73
CA SER A 40 1.86 -2.12 -19.23
C SER A 40 2.58 -1.23 -18.23
N ASN A 41 3.77 -0.77 -18.61
CA ASN A 41 4.57 0.11 -17.78
C ASN A 41 3.74 1.33 -17.40
N GLU A 42 2.96 1.83 -18.35
CA GLU A 42 2.13 2.99 -18.12
C GLU A 42 1.12 2.74 -16.99
N GLU A 43 0.51 1.56 -17.02
CA GLU A 43 -0.48 1.18 -16.00
C GLU A 43 0.18 1.12 -14.63
N TRP A 44 1.38 0.57 -14.57
CA TRP A 44 2.11 0.47 -13.32
C TRP A 44 2.47 1.87 -12.78
N PHE A 45 2.88 2.77 -13.68
CA PHE A 45 3.24 4.12 -13.24
C PHE A 45 2.04 4.84 -12.63
N LYS A 46 0.85 4.58 -13.16
CA LYS A 46 -0.37 5.20 -12.63
C LYS A 46 -0.62 4.72 -11.20
N GLU A 47 -0.32 3.45 -10.93
CA GLU A 47 -0.53 2.91 -9.60
C GLU A 47 0.49 3.49 -8.63
N LEU A 48 1.68 3.78 -9.15
CA LEU A 48 2.73 4.36 -8.32
C LEU A 48 2.27 5.76 -7.89
N CYS A 49 1.61 6.46 -8.81
CA CYS A 49 1.11 7.79 -8.53
C CYS A 49 -0.05 7.74 -7.54
N PHE A 50 -0.86 6.69 -7.64
CA PHE A 50 -1.97 6.50 -6.72
C PHE A 50 -1.40 6.44 -5.30
N CYS A 51 -0.30 5.69 -5.16
CA CYS A 51 0.32 5.54 -3.86
C CYS A 51 1.01 6.81 -3.39
N ILE A 52 1.55 7.58 -4.32
CA ILE A 52 2.18 8.86 -3.95
C ILE A 52 1.11 9.79 -3.39
N LEU A 53 -0.10 9.68 -3.92
CA LEU A 53 -1.22 10.52 -3.50
C LEU A 53 -1.96 10.09 -2.23
N THR A 54 -1.83 8.82 -1.87
CA THR A 54 -2.51 8.26 -0.70
C THR A 54 -2.34 9.00 0.63
N ALA A 55 -1.10 9.36 0.97
CA ALA A 55 -0.81 10.06 2.21
C ALA A 55 -1.69 11.29 2.41
N ASN A 56 -2.36 11.36 3.56
CA ASN A 56 -3.23 12.48 3.89
C ASN A 56 -4.41 12.56 2.93
N PHE A 57 -4.87 11.41 2.47
CA PHE A 57 -5.97 11.40 1.52
C PHE A 57 -6.83 10.15 1.72
N THR A 58 -7.64 9.83 0.72
CA THR A 58 -8.51 8.66 0.79
C THR A 58 -8.29 7.76 -0.43
N ALA A 59 -8.38 6.45 -0.22
CA ALA A 59 -8.20 5.50 -1.31
C ALA A 59 -9.24 5.79 -2.36
N GLU A 60 -10.45 6.07 -1.89
CA GLU A 60 -11.56 6.37 -2.78
C GLU A 60 -11.26 7.65 -3.54
N GLY A 61 -10.61 8.59 -2.86
CA GLY A 61 -10.25 9.84 -3.51
C GLY A 61 -9.13 9.59 -4.52
N GLY A 62 -8.19 8.74 -4.15
CA GLY A 62 -7.09 8.41 -5.04
C GLY A 62 -7.63 7.74 -6.28
N ILE A 63 -8.56 6.81 -6.10
CA ILE A 63 -9.15 6.09 -7.23
C ILE A 63 -9.82 7.06 -8.20
N ARG A 64 -10.49 8.08 -7.69
CA ARG A 64 -11.15 9.04 -8.59
C ARG A 64 -10.15 9.99 -9.23
N ILE A 65 -9.10 10.36 -8.50
CA ILE A 65 -8.09 11.25 -9.08
C ILE A 65 -7.44 10.47 -10.22
N GLN A 66 -7.29 9.17 -10.03
CA GLN A 66 -6.70 8.30 -11.05
C GLN A 66 -7.55 8.32 -12.30
N LYS A 67 -8.82 7.97 -12.16
CA LYS A 67 -9.75 7.93 -13.28
C LYS A 67 -9.85 9.28 -13.97
N GLU A 68 -9.83 10.35 -13.19
CA GLU A 68 -9.92 11.71 -13.72
C GLU A 68 -8.71 12.07 -14.56
N ILE A 69 -7.52 11.96 -13.97
CA ILE A 69 -6.27 12.29 -14.66
C ILE A 69 -5.76 11.23 -15.63
N GLY A 70 -5.57 10.01 -15.14
CA GLY A 70 -5.11 8.93 -15.99
C GLY A 70 -3.78 9.18 -16.69
N ASP A 71 -3.81 9.20 -18.01
CA ASP A 71 -2.60 9.43 -18.81
C ASP A 71 -1.88 10.72 -18.41
N GLY A 72 -2.60 11.64 -17.80
CA GLY A 72 -2.01 12.90 -17.39
C GLY A 72 -0.85 12.79 -16.40
N PHE A 73 -0.75 11.65 -15.72
CA PHE A 73 0.35 11.47 -14.77
C PHE A 73 1.68 11.42 -15.53
N LEU A 74 1.60 11.14 -16.83
CA LEU A 74 2.78 11.05 -17.67
C LEU A 74 2.94 12.20 -18.67
N THR A 75 1.83 12.82 -19.06
CA THR A 75 1.87 13.88 -20.06
C THR A 75 1.73 15.32 -19.59
N LEU A 76 1.04 15.54 -18.47
CA LEU A 76 0.83 16.88 -17.95
C LEU A 76 2.07 17.58 -17.40
N PRO A 77 2.27 18.86 -17.76
CA PRO A 77 3.43 19.58 -17.26
C PRO A 77 3.20 19.91 -15.78
N ARG A 78 4.28 20.14 -15.05
CA ARG A 78 4.21 20.46 -13.63
C ARG A 78 3.00 21.32 -13.27
N GLU A 79 2.93 22.50 -13.88
CA GLU A 79 1.86 23.46 -13.63
C GLU A 79 0.44 22.92 -13.83
N GLU A 80 0.22 22.20 -14.92
CA GLU A 80 -1.11 21.67 -15.19
C GLU A 80 -1.52 20.56 -14.23
N LEU A 81 -0.55 19.77 -13.78
CA LEU A 81 -0.84 18.69 -12.85
C LEU A 81 -1.13 19.25 -11.46
N GLU A 82 -0.35 20.24 -11.07
CA GLU A 82 -0.50 20.87 -9.77
C GLU A 82 -1.90 21.49 -9.68
N GLU A 83 -2.39 21.97 -10.82
CA GLU A 83 -3.70 22.61 -10.89
C GLU A 83 -4.84 21.60 -10.74
N LYS A 84 -4.73 20.47 -11.41
CA LYS A 84 -5.79 19.46 -11.31
C LYS A 84 -5.85 18.87 -9.91
N LEU A 85 -4.69 18.66 -9.28
CA LEU A 85 -4.65 18.10 -7.95
C LEU A 85 -5.28 19.05 -6.93
N LYS A 86 -5.02 20.34 -7.09
CA LYS A 86 -5.58 21.33 -6.18
C LYS A 86 -7.09 21.36 -6.32
N ASN A 87 -7.57 21.37 -7.55
CA ASN A 87 -9.00 21.41 -7.83
C ASN A 87 -9.71 20.10 -7.52
N LEU A 88 -8.97 19.00 -7.48
CA LEU A 88 -9.57 17.71 -7.20
C LEU A 88 -9.70 17.44 -5.70
N GLY A 89 -9.21 18.37 -4.89
CA GLY A 89 -9.33 18.21 -3.45
C GLY A 89 -8.10 17.86 -2.64
N HIS A 90 -6.98 17.54 -3.29
CA HIS A 90 -5.78 17.18 -2.54
C HIS A 90 -5.13 18.41 -1.91
N ARG A 91 -4.92 18.35 -0.60
CA ARG A 91 -4.33 19.45 0.14
C ARG A 91 -2.84 19.66 -0.14
N PHE A 92 -2.15 18.59 -0.54
CA PHE A 92 -0.72 18.70 -0.83
C PHE A 92 -0.43 18.67 -2.32
N TYR A 93 -1.32 19.26 -3.11
CA TYR A 93 -1.19 19.29 -4.56
C TYR A 93 0.19 19.71 -5.06
N ARG A 94 0.79 20.70 -4.41
CA ARG A 94 2.10 21.18 -4.83
C ARG A 94 3.21 20.13 -4.70
N LYS A 95 3.39 19.59 -3.50
CA LYS A 95 4.42 18.56 -3.27
C LYS A 95 4.20 17.29 -4.10
N ARG A 96 2.97 16.79 -4.10
CA ARG A 96 2.66 15.57 -4.84
C ARG A 96 2.87 15.73 -6.34
N ALA A 97 2.54 16.89 -6.88
CA ALA A 97 2.72 17.16 -8.30
C ALA A 97 4.21 17.10 -8.65
N GLU A 98 5.04 17.60 -7.74
CA GLU A 98 6.48 17.59 -7.95
C GLU A 98 7.03 16.16 -7.89
N TYR A 99 6.63 15.41 -6.87
CA TYR A 99 7.09 14.03 -6.73
C TYR A 99 6.77 13.21 -7.98
N ILE A 100 5.53 13.36 -8.45
CA ILE A 100 5.08 12.63 -9.63
C ILE A 100 5.91 12.95 -10.86
N VAL A 101 6.12 14.23 -11.12
CA VAL A 101 6.91 14.65 -12.28
C VAL A 101 8.33 14.07 -12.20
N LEU A 102 8.93 14.16 -11.01
CA LEU A 102 10.27 13.65 -10.81
C LEU A 102 10.34 12.13 -11.02
N ALA A 103 9.28 11.44 -10.62
CA ALA A 103 9.23 9.99 -10.76
C ALA A 103 9.19 9.57 -12.22
N ARG A 104 8.92 10.52 -13.10
CA ARG A 104 8.84 10.21 -14.52
C ARG A 104 10.12 9.66 -15.14
N ARG A 105 11.26 9.89 -14.49
CA ARG A 105 12.51 9.37 -15.04
C ARG A 105 12.56 7.85 -14.90
N PHE A 106 11.60 7.30 -14.14
CA PHE A 106 11.47 5.87 -13.92
C PHE A 106 10.11 5.39 -14.46
N LYS A 107 9.55 6.11 -15.44
N LYS A 107 9.57 6.11 -15.45
CA LYS A 107 8.25 5.75 -15.99
CA LYS A 107 8.28 5.78 -16.05
C LYS A 107 8.10 4.29 -16.42
C LYS A 107 8.11 4.32 -16.41
N ASN A 108 9.19 3.64 -16.79
CA ASN A 108 9.12 2.24 -17.17
C ASN A 108 9.34 1.45 -15.88
N ILE A 109 8.55 1.82 -14.87
CA ILE A 109 8.63 1.23 -13.54
C ILE A 109 8.40 -0.28 -13.47
N LYS A 110 7.62 -0.84 -14.39
CA LYS A 110 7.40 -2.28 -14.36
C LYS A 110 8.68 -3.03 -14.72
N ASP A 111 9.34 -2.62 -15.80
CA ASP A 111 10.59 -3.27 -16.20
C ASP A 111 11.65 -3.15 -15.12
N ILE A 112 11.71 -2.00 -14.45
CA ILE A 112 12.69 -1.78 -13.40
C ILE A 112 12.39 -2.69 -12.22
N VAL A 113 11.15 -2.65 -11.73
CA VAL A 113 10.76 -3.47 -10.59
C VAL A 113 10.94 -4.97 -10.82
N GLU A 114 10.58 -5.46 -11.99
CA GLU A 114 10.71 -6.88 -12.27
C GLU A 114 12.16 -7.33 -12.49
N SER A 115 13.06 -6.38 -12.71
CA SER A 115 14.46 -6.73 -12.93
C SER A 115 15.13 -7.20 -11.64
N PHE A 116 14.63 -6.74 -10.50
CA PHE A 116 15.21 -7.13 -9.22
C PHE A 116 14.95 -8.59 -8.84
N GLU A 117 15.83 -9.10 -8.00
CA GLU A 117 15.78 -10.49 -7.51
C GLU A 117 14.43 -10.80 -6.86
N ASN A 118 13.90 -9.82 -6.14
CA ASN A 118 12.62 -9.99 -5.46
C ASN A 118 12.03 -8.64 -5.08
N GLU A 119 10.83 -8.69 -4.49
CA GLU A 119 10.11 -7.50 -4.06
C GLU A 119 10.76 -6.75 -2.91
N LYS A 120 11.48 -7.45 -2.05
CA LYS A 120 12.16 -6.82 -0.92
C LYS A 120 13.25 -5.88 -1.39
N VAL A 121 14.03 -6.33 -2.37
N VAL A 121 14.03 -6.33 -2.37
CA VAL A 121 15.11 -5.54 -2.93
CA VAL A 121 15.11 -5.54 -2.92
C VAL A 121 14.53 -4.42 -3.79
C VAL A 121 14.56 -4.44 -3.83
N ALA A 122 13.42 -4.71 -4.47
CA ALA A 122 12.79 -3.71 -5.32
C ALA A 122 12.28 -2.57 -4.43
N ARG A 123 11.75 -2.93 -3.27
CA ARG A 123 11.24 -1.94 -2.31
C ARG A 123 12.35 -0.98 -1.92
N GLU A 124 13.55 -1.53 -1.70
CA GLU A 124 14.71 -0.72 -1.33
C GLU A 124 14.98 0.34 -2.40
N PHE A 125 14.87 -0.05 -3.66
CA PHE A 125 15.10 0.89 -4.75
C PHE A 125 14.05 1.98 -4.77
N LEU A 126 12.79 1.59 -4.58
CA LEU A 126 11.69 2.56 -4.59
C LEU A 126 11.87 3.61 -3.51
N VAL A 127 12.17 3.16 -2.29
CA VAL A 127 12.35 4.10 -1.19
C VAL A 127 13.53 5.06 -1.41
N ARG A 128 14.70 4.50 -1.72
CA ARG A 128 15.91 5.28 -1.91
C ARG A 128 15.95 6.26 -3.10
N ASN A 129 15.31 5.90 -4.21
CA ASN A 129 15.36 6.75 -5.40
C ASN A 129 14.17 7.64 -5.69
N ILE A 130 12.99 7.26 -5.24
CA ILE A 130 11.81 8.05 -5.54
C ILE A 130 11.32 8.92 -4.37
N LYS A 131 11.44 10.23 -4.52
CA LYS A 131 10.99 11.16 -3.49
C LYS A 131 9.48 11.06 -3.37
N GLY A 132 8.99 11.06 -2.12
CA GLY A 132 7.56 10.95 -1.92
C GLY A 132 7.16 9.51 -1.66
N ILE A 133 8.15 8.60 -1.73
CA ILE A 133 7.91 7.19 -1.50
C ILE A 133 8.73 6.66 -0.33
N GLY A 134 8.06 6.36 0.79
CA GLY A 134 8.75 5.79 1.94
C GLY A 134 8.46 4.30 1.96
N TYR A 135 8.85 3.60 3.04
CA TYR A 135 8.60 2.16 3.10
C TYR A 135 7.13 1.80 3.03
N LYS A 136 6.28 2.62 3.63
CA LYS A 136 4.84 2.34 3.60
C LYS A 136 4.30 2.47 2.19
N GLU A 137 4.66 3.56 1.49
CA GLU A 137 4.19 3.80 0.14
C GLU A 137 4.71 2.78 -0.87
N ALA A 138 5.97 2.37 -0.70
CA ALA A 138 6.59 1.40 -1.58
C ALA A 138 5.91 0.04 -1.42
N SER A 139 5.63 -0.33 -0.18
CA SER A 139 4.97 -1.59 0.12
C SER A 139 3.55 -1.59 -0.46
N HIS A 140 2.88 -0.46 -0.31
CA HIS A 140 1.51 -0.29 -0.79
C HIS A 140 1.51 -0.51 -2.31
N PHE A 141 2.46 0.14 -2.98
CA PHE A 141 2.58 0.04 -4.43
C PHE A 141 2.83 -1.40 -4.87
N LEU A 142 3.82 -2.06 -4.26
CA LEU A 142 4.15 -3.43 -4.62
C LEU A 142 2.97 -4.38 -4.38
N ARG A 143 2.23 -4.16 -3.31
CA ARG A 143 1.06 -4.99 -3.02
C ARG A 143 0.03 -4.78 -4.14
N ASN A 144 -0.21 -3.51 -4.48
CA ASN A 144 -1.19 -3.19 -5.50
C ASN A 144 -0.88 -3.66 -6.93
N VAL A 145 0.38 -4.03 -7.18
CA VAL A 145 0.73 -4.54 -8.50
C VAL A 145 1.02 -6.03 -8.45
N GLY A 146 0.60 -6.69 -7.38
CA GLY A 146 0.77 -8.13 -7.31
C GLY A 146 1.72 -8.85 -6.37
N TYR A 147 2.45 -8.14 -5.52
CA TYR A 147 3.37 -8.84 -4.62
C TYR A 147 2.67 -9.15 -3.30
N ASP A 148 2.95 -10.33 -2.75
CA ASP A 148 2.26 -10.76 -1.54
C ASP A 148 2.96 -10.76 -0.21
N ASP A 149 4.25 -10.49 -0.16
CA ASP A 149 4.97 -10.54 1.10
C ASP A 149 5.49 -9.24 1.69
N VAL A 150 4.77 -8.13 1.47
CA VAL A 150 5.16 -6.85 2.05
C VAL A 150 3.96 -6.25 2.79
N ALA A 151 4.22 -5.80 4.01
CA ALA A 151 3.17 -5.20 4.82
C ALA A 151 3.09 -3.71 4.56
N ILE A 152 1.88 -3.18 4.65
CA ILE A 152 1.63 -1.76 4.47
C ILE A 152 1.36 -1.28 5.89
N ILE A 153 2.38 -0.72 6.52
CA ILE A 153 2.26 -0.28 7.89
C ILE A 153 1.85 1.17 8.01
N ASP A 154 0.54 1.38 8.13
CA ASP A 154 -0.06 2.70 8.25
C ASP A 154 -0.24 3.09 9.72
N ARG A 155 -0.67 4.33 9.95
CA ARG A 155 -0.88 4.83 11.31
C ARG A 155 -2.00 4.13 12.07
N HIS A 156 -2.92 3.49 11.36
CA HIS A 156 -4.02 2.82 12.04
C HIS A 156 -3.58 1.45 12.58
N ILE A 157 -2.83 0.70 11.79
CA ILE A 157 -2.38 -0.59 12.27
C ILE A 157 -1.38 -0.37 13.41
N LEU A 158 -0.59 0.71 13.32
CA LEU A 158 0.39 1.00 14.36
C LEU A 158 -0.33 1.25 15.69
N ARG A 159 -1.45 1.97 15.64
CA ARG A 159 -2.20 2.22 16.86
C ARG A 159 -2.79 0.93 17.40
N GLU A 160 -3.30 0.07 16.53
CA GLU A 160 -3.90 -1.18 16.96
C GLU A 160 -2.83 -2.07 17.58
N LEU A 161 -1.66 -2.13 16.95
CA LEU A 161 -0.55 -2.93 17.46
C LEU A 161 -0.11 -2.44 18.83
N TYR A 162 0.00 -1.12 18.98
CA TYR A 162 0.42 -0.52 20.24
C TYR A 162 -0.59 -0.77 21.35
N GLU A 163 -1.86 -0.54 21.04
CA GLU A 163 -2.93 -0.70 22.01
C GLU A 163 -3.10 -2.14 22.48
N ASN A 164 -2.85 -3.10 21.58
CA ASN A 164 -2.98 -4.50 21.94
C ASN A 164 -1.65 -5.12 22.34
N ASN A 165 -0.70 -4.26 22.68
CA ASN A 165 0.63 -4.66 23.16
C ASN A 165 1.55 -5.49 22.27
N TYR A 166 1.51 -5.30 20.95
CA TYR A 166 2.40 -6.03 20.06
C TYR A 166 3.69 -5.22 19.92
N ILE A 167 3.59 -3.93 20.21
CA ILE A 167 4.75 -3.03 20.16
C ILE A 167 4.65 -2.10 21.37
N ASP A 168 5.79 -1.67 21.90
CA ASP A 168 5.83 -0.81 23.07
C ASP A 168 5.32 0.62 22.92
N GLU A 169 5.54 1.22 21.77
CA GLU A 169 5.12 2.60 21.56
C GLU A 169 4.84 2.88 20.09
N ILE A 170 3.99 3.86 19.83
N ILE A 170 4.01 3.87 19.83
CA ILE A 170 3.68 4.24 18.47
CA ILE A 170 3.70 4.27 18.47
C ILE A 170 4.95 4.91 17.95
C ILE A 170 4.97 4.93 17.95
N PRO A 171 5.63 4.29 16.98
CA PRO A 171 6.88 4.81 16.39
C PRO A 171 6.95 6.23 15.83
N LYS A 172 5.93 6.67 15.10
CA LYS A 172 5.92 8.00 14.48
C LYS A 172 6.76 7.96 13.21
N THR A 173 8.06 7.73 13.37
CA THR A 173 8.97 7.62 12.23
C THR A 173 9.47 6.19 12.16
N LEU A 174 9.31 5.58 10.98
CA LEU A 174 9.72 4.21 10.77
C LEU A 174 11.02 4.09 9.98
N SER A 175 12.09 3.69 10.65
CA SER A 175 13.35 3.51 9.96
C SER A 175 13.23 2.16 9.25
N ARG A 176 14.08 1.91 8.27
CA ARG A 176 14.04 0.64 7.56
C ARG A 176 14.00 -0.49 8.58
N ARG A 177 14.92 -0.41 9.54
CA ARG A 177 15.02 -1.42 10.59
C ARG A 177 13.72 -1.65 11.34
N LYS A 178 13.04 -0.58 11.72
CA LYS A 178 11.80 -0.70 12.47
C LYS A 178 10.66 -1.21 11.60
N TYR A 179 10.66 -0.80 10.34
CA TYR A 179 9.60 -1.22 9.43
C TYR A 179 9.65 -2.73 9.24
N LEU A 180 10.84 -3.26 8.95
CA LEU A 180 11.01 -4.69 8.74
C LEU A 180 10.71 -5.46 10.00
N GLU A 181 10.98 -4.86 11.14
CA GLU A 181 10.72 -5.51 12.42
C GLU A 181 9.22 -5.67 12.64
N ILE A 182 8.47 -4.59 12.42
CA ILE A 182 7.02 -4.64 12.61
C ILE A 182 6.35 -5.49 11.51
N GLU A 183 6.94 -5.47 10.32
CA GLU A 183 6.41 -6.26 9.21
C GLU A 183 6.46 -7.76 9.56
N ASN A 184 7.52 -8.18 10.25
CA ASN A 184 7.66 -9.57 10.64
C ASN A 184 6.62 -10.06 11.65
N ILE A 185 6.17 -9.17 12.52
CA ILE A 185 5.14 -9.54 13.48
C ILE A 185 3.84 -9.79 12.68
N LEU A 186 3.54 -8.87 11.77
CA LEU A 186 2.35 -9.01 10.94
C LEU A 186 2.45 -10.26 10.10
N ARG A 187 3.66 -10.56 9.64
CA ARG A 187 3.88 -11.75 8.83
C ARG A 187 3.57 -13.01 9.64
N ASP A 188 3.94 -13.01 10.93
CA ASP A 188 3.66 -14.16 11.80
C ASP A 188 2.16 -14.30 12.01
N ILE A 189 1.48 -13.18 12.24
CA ILE A 189 0.03 -13.22 12.41
C ILE A 189 -0.57 -13.82 11.15
N GLY A 190 -0.09 -13.36 9.99
CA GLY A 190 -0.59 -13.86 8.73
C GLY A 190 -0.45 -15.37 8.61
N GLU A 191 0.70 -15.92 8.96
CA GLU A 191 0.88 -17.36 8.87
C GLU A 191 -0.01 -18.07 9.87
N GLU A 192 -0.25 -17.44 11.01
CA GLU A 192 -1.11 -18.03 12.05
C GLU A 192 -2.51 -18.22 11.49
N VAL A 193 -2.87 -17.44 10.46
CA VAL A 193 -4.19 -17.57 9.84
C VAL A 193 -4.09 -18.01 8.38
N ASN A 194 -2.88 -18.40 7.98
N ASN A 194 -2.88 -18.41 7.97
CA ASN A 194 -2.62 -18.84 6.62
CA ASN A 194 -2.65 -18.86 6.61
C ASN A 194 -2.98 -17.83 5.54
C ASN A 194 -2.99 -17.83 5.54
N LEU A 195 -2.59 -16.58 5.75
CA LEU A 195 -2.85 -15.51 4.79
C LEU A 195 -1.53 -14.83 4.48
N LYS A 196 -1.37 -14.36 3.24
CA LYS A 196 -0.16 -13.65 2.83
C LYS A 196 -0.35 -12.24 3.36
N LEU A 197 0.72 -11.46 3.43
CA LEU A 197 0.60 -10.09 3.92
C LEU A 197 -0.32 -9.25 3.04
N SER A 198 -0.31 -9.49 1.73
CA SER A 198 -1.17 -8.74 0.82
C SER A 198 -2.64 -8.92 1.22
N GLU A 199 -3.00 -10.18 1.52
CA GLU A 199 -4.36 -10.55 1.91
C GLU A 199 -4.73 -10.09 3.31
N LEU A 200 -3.81 -10.29 4.25
CA LEU A 200 -4.05 -9.91 5.64
C LEU A 200 -4.43 -8.44 5.74
N ASP A 201 -3.74 -7.62 4.96
CA ASP A 201 -3.99 -6.18 4.95
C ASP A 201 -5.45 -5.85 4.68
N LEU A 202 -6.03 -6.53 3.70
CA LEU A 202 -7.43 -6.30 3.36
C LEU A 202 -8.39 -6.86 4.42
N TYR A 203 -8.05 -7.98 5.04
CA TYR A 203 -8.90 -8.52 6.10
C TYR A 203 -8.91 -7.55 7.28
N ILE A 204 -7.76 -6.99 7.59
N ILE A 204 -7.75 -7.00 7.58
CA ILE A 204 -7.65 -6.04 8.69
CA ILE A 204 -7.63 -6.03 8.66
C ILE A 204 -8.46 -4.78 8.38
C ILE A 204 -8.47 -4.79 8.38
N TRP A 205 -8.34 -4.25 7.16
CA TRP A 205 -9.11 -3.07 6.80
C TRP A 205 -10.60 -3.37 6.83
N TYR A 206 -10.98 -4.56 6.38
CA TYR A 206 -12.39 -4.91 6.39
C TYR A 206 -12.95 -4.95 7.79
N LEU A 207 -12.15 -5.45 8.74
CA LEU A 207 -12.56 -5.50 10.14
C LEU A 207 -12.74 -4.10 10.70
N ARG A 208 -11.96 -3.16 10.18
CA ARG A 208 -11.98 -1.78 10.65
C ARG A 208 -13.07 -0.92 9.98
N THR A 209 -13.37 -1.20 8.73
CA THR A 209 -14.33 -0.38 8.01
C THR A 209 -15.48 -1.08 7.31
N GLY A 210 -15.38 -2.40 7.14
CA GLY A 210 -16.44 -3.12 6.45
C GLY A 210 -16.34 -2.94 4.95
N LYS A 211 -15.25 -2.34 4.50
CA LYS A 211 -15.06 -2.13 3.07
C LYS A 211 -13.79 -2.81 2.56
N VAL A 212 -13.74 -3.03 1.25
CA VAL A 212 -12.59 -3.64 0.59
C VAL A 212 -12.17 -2.74 -0.58
N LEU A 213 -11.17 -1.91 -0.36
CA LEU A 213 -10.70 -1.01 -1.41
C LEU A 213 -9.33 -1.44 -1.91
N LYS A 214 -8.34 -0.56 -1.86
CA LYS A 214 -6.98 -0.88 -2.30
C LYS A 214 -6.01 0.18 -1.76
#